data_1Y6H
#
_entry.id   1Y6H
#
_cell.length_a   91.032
_cell.length_b   91.032
_cell.length_c   86.380
_cell.angle_alpha   90.00
_cell.angle_beta   90.00
_cell.angle_gamma   120.00
#
_symmetry.space_group_name_H-M   'P 31 2 1'
#
loop_
_entity.id
_entity.type
_entity.pdbx_description
1 polymer 'Peptide deformylase'
2 non-polymer 'ZINC ION'
3 non-polymer 'FORMIC ACID'
4 non-polymer GLYCINE
5 water water
#
_entity_poly.entity_id   1
_entity_poly.type   'polypeptide(L)'
_entity_poly.pdbx_seq_one_letter_code
;SVRKILRMGDPILRKISEPVTEDEIQTKEFKKLIRDMFDTMRHAEGVGLAAPQIGILKQIVVVGSEDNERYPGTPDVPER
IILNPVITPLTKDTSGFWEGCLSVPGMRGYVERPNQIRMQWMDEKGNQFDETIDGYKAIVYQHECDHLQGILYVDRLKDT
KLFGFNETLDSSHNVLD
;
_entity_poly.pdbx_strand_id   A,B
#
# COMPACT_ATOMS: atom_id res chain seq x y z
N SER A 1 27.69 -9.73 -2.17
CA SER A 1 26.57 -10.60 -2.63
C SER A 1 25.24 -9.90 -2.47
N VAL A 2 24.30 -10.24 -3.35
CA VAL A 2 22.97 -9.66 -3.33
C VAL A 2 22.15 -10.41 -2.29
N ARG A 3 21.54 -9.68 -1.36
CA ARG A 3 20.72 -10.31 -0.34
C ARG A 3 19.24 -10.05 -0.63
N LYS A 4 18.39 -10.85 -0.01
CA LYS A 4 16.96 -10.71 -0.20
C LYS A 4 16.45 -9.45 0.48
N ILE A 5 15.66 -8.66 -0.24
CA ILE A 5 15.11 -7.44 0.31
C ILE A 5 13.76 -7.78 0.90
N LEU A 6 13.58 -7.49 2.18
CA LEU A 6 12.32 -7.79 2.86
C LEU A 6 11.23 -6.88 2.34
N ARG A 7 10.03 -7.44 2.14
CA ARG A 7 8.91 -6.65 1.64
C ARG A 7 7.99 -6.17 2.75
N MET A 8 7.22 -5.14 2.45
CA MET A 8 6.28 -4.60 3.41
C MET A 8 5.40 -5.72 3.93
N GLY A 9 5.25 -5.77 5.24
CA GLY A 9 4.47 -6.82 5.86
C GLY A 9 5.37 -7.62 6.77
N ASP A 10 6.66 -7.59 6.47
CA ASP A 10 7.65 -8.29 7.29
C ASP A 10 7.88 -7.41 8.52
N PRO A 11 7.61 -7.93 9.73
CA PRO A 11 7.78 -7.20 10.99
C PRO A 11 9.14 -6.52 11.18
N ILE A 12 10.19 -7.11 10.63
CA ILE A 12 11.53 -6.52 10.78
C ILE A 12 11.58 -5.08 10.26
N LEU A 13 10.90 -4.82 9.15
CA LEU A 13 10.87 -3.49 8.56
C LEU A 13 10.26 -2.46 9.48
N ARG A 14 9.58 -2.92 10.53
CA ARG A 14 8.95 -2.01 11.47
C ARG A 14 9.63 -1.95 12.83
N LYS A 15 10.79 -2.57 12.96
CA LYS A 15 11.53 -2.55 14.22
C LYS A 15 12.49 -1.36 14.22
N ILE A 16 13.08 -1.08 15.37
CA ILE A 16 14.02 0.02 15.50
C ILE A 16 15.43 -0.53 15.30
N SER A 17 16.23 0.14 14.50
CA SER A 17 17.59 -0.32 14.26
C SER A 17 18.53 0.24 15.34
N GLU A 18 19.51 -0.57 15.73
CA GLU A 18 20.45 -0.14 16.74
C GLU A 18 21.68 0.55 16.14
N PRO A 19 22.28 1.48 16.90
CA PRO A 19 23.45 2.20 16.41
C PRO A 19 24.62 1.26 16.10
N VAL A 20 25.52 1.73 15.27
CA VAL A 20 26.71 0.97 14.93
C VAL A 20 27.85 1.50 15.78
N THR A 21 28.58 0.57 16.38
CA THR A 21 29.72 0.88 17.22
C THR A 21 30.91 1.11 16.32
N GLU A 22 31.75 2.07 16.68
CA GLU A 22 32.92 2.37 15.87
C GLU A 22 33.87 1.17 15.96
N ASP A 23 33.66 0.36 16.98
CA ASP A 23 34.49 -0.83 17.18
C ASP A 23 34.07 -1.96 16.25
N GLU A 24 33.13 -1.69 15.34
CA GLU A 24 32.70 -2.72 14.42
C GLU A 24 32.77 -2.31 12.96
N ILE A 25 33.10 -1.04 12.70
CA ILE A 25 33.19 -0.58 11.31
C ILE A 25 34.45 -1.08 10.58
N GLN A 26 35.39 -1.67 11.31
CA GLN A 26 36.60 -2.16 10.67
C GLN A 26 36.58 -3.69 10.56
N THR A 27 35.56 -4.31 11.15
CA THR A 27 35.42 -5.76 11.10
C THR A 27 35.07 -6.19 9.69
N LYS A 28 35.43 -7.42 9.33
CA LYS A 28 35.13 -7.91 7.99
C LYS A 28 33.62 -8.13 7.83
N GLU A 29 32.96 -8.45 8.94
CA GLU A 29 31.51 -8.68 8.92
C GLU A 29 30.80 -7.40 8.47
N PHE A 30 31.25 -6.27 8.98
CA PHE A 30 30.66 -4.98 8.63
C PHE A 30 30.99 -4.64 7.18
N LYS A 31 32.25 -4.83 6.81
CA LYS A 31 32.67 -4.56 5.44
C LYS A 31 31.90 -5.43 4.46
N LYS A 32 31.64 -6.68 4.84
CA LYS A 32 30.90 -7.59 3.99
C LYS A 32 29.45 -7.10 3.87
N LEU A 33 28.85 -6.72 4.99
CA LEU A 33 27.48 -6.24 4.97
C LEU A 33 27.38 -5.03 4.06
N ILE A 34 28.33 -4.11 4.17
CA ILE A 34 28.34 -2.92 3.34
C ILE A 34 28.39 -3.31 1.87
N ARG A 35 29.32 -4.18 1.52
CA ARG A 35 29.45 -4.63 0.14
C ARG A 35 28.14 -5.26 -0.32
N ASP A 36 27.58 -6.12 0.53
CA ASP A 36 26.33 -6.79 0.22
C ASP A 36 25.20 -5.81 0.02
N MET A 37 25.18 -4.76 0.83
CA MET A 37 24.14 -3.74 0.71
C MET A 37 24.25 -2.98 -0.59
N PHE A 38 25.48 -2.67 -1.02
CA PHE A 38 25.66 -1.97 -2.29
C PHE A 38 25.30 -2.90 -3.44
N ASP A 39 25.71 -4.16 -3.36
CA ASP A 39 25.39 -5.12 -4.41
C ASP A 39 23.87 -5.18 -4.55
N THR A 40 23.21 -5.39 -3.42
CA THR A 40 21.76 -5.49 -3.39
C THR A 40 21.09 -4.22 -3.92
N MET A 41 21.53 -3.06 -3.46
CA MET A 41 20.96 -1.80 -3.90
C MET A 41 21.12 -1.61 -5.41
N ARG A 42 22.32 -1.84 -5.91
CA ARG A 42 22.59 -1.71 -7.34
C ARG A 42 21.81 -2.75 -8.15
N HIS A 43 21.83 -3.99 -7.72
CA HIS A 43 21.14 -5.04 -8.45
C HIS A 43 19.64 -4.73 -8.52
N ALA A 44 19.15 -4.03 -7.52
CA ALA A 44 17.73 -3.67 -7.46
C ALA A 44 17.48 -2.31 -8.11
N GLU A 45 18.55 -1.67 -8.58
CA GLU A 45 18.45 -0.37 -9.22
C GLU A 45 17.88 0.69 -8.27
N GLY A 46 18.30 0.60 -7.01
CA GLY A 46 17.82 1.56 -6.03
C GLY A 46 18.80 2.71 -5.88
N VAL A 47 18.40 3.74 -5.16
CA VAL A 47 19.25 4.90 -4.92
C VAL A 47 19.69 4.85 -3.46
N GLY A 48 19.04 3.97 -2.70
CA GLY A 48 19.35 3.84 -1.30
C GLY A 48 18.89 2.52 -0.75
N LEU A 49 19.49 2.11 0.36
CA LEU A 49 19.12 0.85 1.00
C LEU A 49 19.53 0.92 2.47
N ALA A 50 18.62 0.53 3.35
CA ALA A 50 18.88 0.54 4.78
C ALA A 50 19.02 -0.91 5.20
N ALA A 51 19.91 -1.15 6.17
CA ALA A 51 20.19 -2.50 6.66
C ALA A 51 18.93 -3.29 7.01
N PRO A 52 17.96 -2.67 7.69
CA PRO A 52 16.77 -3.46 8.01
C PRO A 52 16.10 -4.05 6.76
N GLN A 53 16.22 -3.37 5.63
CA GLN A 53 15.61 -3.88 4.41
C GLN A 53 16.14 -5.25 4.00
N ILE A 54 17.30 -5.62 4.51
CA ILE A 54 17.85 -6.93 4.21
C ILE A 54 17.90 -7.75 5.48
N GLY A 55 17.16 -7.30 6.49
CA GLY A 55 17.07 -8.02 7.74
C GLY A 55 18.02 -7.69 8.85
N ILE A 56 18.86 -6.68 8.67
CA ILE A 56 19.82 -6.29 9.71
C ILE A 56 19.36 -5.02 10.39
N LEU A 57 19.03 -5.13 11.67
CA LEU A 57 18.56 -3.97 12.43
C LEU A 57 19.69 -3.12 12.99
N LYS A 58 20.45 -2.52 12.09
CA LYS A 58 21.56 -1.65 12.47
C LYS A 58 21.38 -0.35 11.71
N GLN A 59 21.77 0.76 12.33
CA GLN A 59 21.63 2.06 11.68
C GLN A 59 22.66 2.25 10.58
N ILE A 60 22.48 1.48 9.52
CA ILE A 60 23.37 1.50 8.36
C ILE A 60 22.59 1.79 7.08
N VAL A 61 23.02 2.83 6.37
CA VAL A 61 22.37 3.21 5.13
C VAL A 61 23.40 3.44 4.03
N VAL A 62 23.14 2.90 2.85
CA VAL A 62 24.02 3.12 1.73
C VAL A 62 23.16 3.82 0.69
N VAL A 63 23.73 4.82 0.03
CA VAL A 63 23.00 5.53 -1.00
C VAL A 63 23.91 5.69 -2.18
N GLY A 64 23.34 6.10 -3.30
CA GLY A 64 24.15 6.28 -4.48
C GLY A 64 23.44 5.93 -5.75
N SER A 65 23.48 6.91 -6.65
CA SER A 65 22.89 6.79 -7.97
C SER A 65 24.15 6.77 -8.83
N GLU A 66 24.06 6.22 -10.03
CA GLU A 66 25.22 6.17 -10.90
C GLU A 66 24.95 6.88 -12.21
N ASP A 67 25.85 7.78 -12.59
CA ASP A 67 25.75 8.54 -13.84
C ASP A 67 24.57 9.51 -13.95
N ASN A 68 24.13 10.10 -12.85
CA ASN A 68 23.03 11.05 -12.92
C ASN A 68 23.47 12.51 -12.91
N GLU A 69 24.74 12.74 -12.59
CA GLU A 69 25.28 14.09 -12.53
C GLU A 69 25.11 14.89 -13.81
N ARG A 70 25.28 14.23 -14.96
CA ARG A 70 25.17 14.90 -16.24
C ARG A 70 23.91 14.46 -16.99
N TYR A 71 22.97 13.86 -16.28
CA TYR A 71 21.73 13.38 -16.88
C TYR A 71 20.62 14.35 -16.47
N PRO A 72 20.13 15.16 -17.42
CA PRO A 72 19.07 16.14 -17.14
C PRO A 72 17.80 15.52 -16.56
N GLY A 73 17.20 16.19 -15.59
CA GLY A 73 15.96 15.71 -15.00
C GLY A 73 16.06 14.60 -13.96
N THR A 74 17.23 13.98 -13.84
CA THR A 74 17.40 12.92 -12.87
C THR A 74 18.48 13.30 -11.86
N PRO A 75 18.08 13.71 -10.65
CA PRO A 75 19.00 14.10 -9.59
C PRO A 75 19.95 12.98 -9.20
N ASP A 76 21.20 13.34 -8.94
CA ASP A 76 22.18 12.34 -8.55
C ASP A 76 22.38 12.34 -7.05
N VAL A 77 22.93 11.24 -6.55
CA VAL A 77 23.20 11.09 -5.15
C VAL A 77 24.57 10.44 -5.06
N PRO A 78 25.58 11.18 -4.59
CA PRO A 78 26.90 10.58 -4.49
C PRO A 78 26.89 9.37 -3.56
N GLU A 79 27.56 8.32 -4.00
CA GLU A 79 27.64 7.07 -3.27
C GLU A 79 28.25 7.30 -1.89
N ARG A 80 27.67 6.68 -0.88
CA ARG A 80 28.21 6.84 0.46
C ARG A 80 27.53 5.97 1.49
N ILE A 81 28.24 5.76 2.60
CA ILE A 81 27.72 4.98 3.71
C ILE A 81 27.30 5.95 4.80
N ILE A 82 26.08 5.80 5.27
CA ILE A 82 25.53 6.66 6.31
C ILE A 82 25.19 5.81 7.53
N LEU A 83 25.89 6.07 8.63
CA LEU A 83 25.68 5.32 9.86
C LEU A 83 25.15 6.17 10.99
N ASN A 84 24.30 5.58 11.83
CA ASN A 84 23.71 6.27 12.97
C ASN A 84 23.22 7.66 12.59
N PRO A 85 22.52 7.78 11.46
CA PRO A 85 22.04 9.10 11.07
C PRO A 85 20.96 9.65 12.00
N VAL A 86 20.94 10.97 12.13
CA VAL A 86 19.96 11.67 12.94
C VAL A 86 19.55 12.88 12.12
N ILE A 87 18.27 12.94 11.77
CA ILE A 87 17.76 14.03 10.96
C ILE A 87 16.80 14.95 11.70
N THR A 88 17.02 16.25 11.52
CA THR A 88 16.17 17.27 12.11
C THR A 88 15.74 18.19 10.98
N PRO A 89 14.43 18.32 10.76
CA PRO A 89 13.97 19.21 9.69
C PRO A 89 14.38 20.64 10.01
N LEU A 90 14.74 21.41 8.99
CA LEU A 90 15.12 22.79 9.19
C LEU A 90 14.03 23.69 8.65
N THR A 91 13.04 23.08 8.00
CA THR A 91 11.96 23.85 7.40
C THR A 91 10.62 23.12 7.43
N LYS A 92 9.54 23.89 7.27
CA LYS A 92 8.21 23.32 7.20
C LYS A 92 7.92 23.14 5.71
N ASP A 93 8.73 23.78 4.88
CA ASP A 93 8.56 23.69 3.44
C ASP A 93 8.84 22.29 2.97
N THR A 94 8.02 21.80 2.05
CA THR A 94 8.18 20.46 1.55
C THR A 94 8.13 20.43 0.04
N SER A 95 8.68 19.36 -0.50
CA SER A 95 8.69 19.12 -1.93
C SER A 95 8.03 17.76 -2.05
N GLY A 96 6.99 17.69 -2.87
CA GLY A 96 6.30 16.43 -3.03
C GLY A 96 7.09 15.57 -3.98
N PHE A 97 6.98 14.27 -3.82
CA PHE A 97 7.70 13.36 -4.68
C PHE A 97 7.04 12.01 -4.67
N TRP A 98 6.89 11.42 -5.85
CA TRP A 98 6.28 10.11 -5.95
C TRP A 98 7.34 9.09 -5.59
N GLU A 99 7.41 8.77 -4.31
CA GLU A 99 8.38 7.81 -3.83
C GLU A 99 8.02 6.36 -4.04
N GLY A 100 9.06 5.54 -4.10
CA GLY A 100 8.91 4.11 -4.24
C GLY A 100 9.84 3.54 -3.19
N CYS A 101 9.75 2.24 -2.95
CA CYS A 101 10.60 1.60 -1.96
C CYS A 101 10.86 0.18 -2.38
N LEU A 102 12.11 -0.25 -2.27
CA LEU A 102 12.50 -1.60 -2.62
C LEU A 102 11.74 -2.61 -1.80
N SER A 103 11.23 -2.19 -0.64
CA SER A 103 10.47 -3.07 0.23
C SER A 103 8.98 -3.00 -0.09
N VAL A 104 8.61 -2.14 -1.02
CA VAL A 104 7.21 -1.99 -1.44
C VAL A 104 7.25 -2.03 -2.96
N PRO A 105 7.65 -3.18 -3.51
CA PRO A 105 7.76 -3.39 -4.96
C PRO A 105 6.49 -3.18 -5.77
N GLY A 106 6.66 -2.52 -6.92
CA GLY A 106 5.56 -2.29 -7.84
C GLY A 106 4.62 -1.14 -7.52
N MET A 107 4.97 -0.33 -6.54
CA MET A 107 4.11 0.78 -6.18
C MET A 107 4.87 2.06 -5.93
N ARG A 108 4.10 3.12 -5.73
CA ARG A 108 4.66 4.41 -5.41
C ARG A 108 3.57 5.29 -4.85
N GLY A 109 3.99 6.27 -4.07
CA GLY A 109 3.05 7.16 -3.44
C GLY A 109 3.62 8.53 -3.28
N TYR A 110 2.74 9.51 -3.23
CA TYR A 110 3.15 10.89 -3.10
C TYR A 110 3.47 11.18 -1.65
N VAL A 111 4.67 11.66 -1.41
CA VAL A 111 5.11 12.00 -0.06
C VAL A 111 5.71 13.39 -0.05
N GLU A 112 5.36 14.18 0.95
CA GLU A 112 5.91 15.51 1.09
C GLU A 112 6.75 15.54 2.35
N ARG A 113 8.05 15.71 2.19
CA ARG A 113 8.96 15.75 3.32
C ARG A 113 9.65 17.10 3.35
N PRO A 114 10.12 17.52 4.53
CA PRO A 114 10.80 18.81 4.60
C PRO A 114 11.91 18.79 3.55
N ASN A 115 12.04 19.86 2.78
CA ASN A 115 13.05 19.90 1.73
C ASN A 115 14.39 20.48 2.20
N GLN A 116 14.55 20.60 3.51
CA GLN A 116 15.79 21.09 4.09
C GLN A 116 15.91 20.46 5.47
N ILE A 117 16.96 19.68 5.64
CA ILE A 117 17.19 19.00 6.91
C ILE A 117 18.63 19.10 7.38
N ARG A 118 18.82 18.75 8.65
CA ARG A 118 20.12 18.72 9.26
C ARG A 118 20.35 17.24 9.52
N MET A 119 21.46 16.71 9.04
CA MET A 119 21.74 15.32 9.28
C MET A 119 23.10 15.16 9.93
N GLN A 120 23.14 14.35 10.96
CA GLN A 120 24.38 14.07 11.67
C GLN A 120 24.59 12.59 11.45
N TRP A 121 25.81 12.21 11.10
CA TRP A 121 26.08 10.80 10.89
C TRP A 121 27.57 10.52 10.87
N MET A 122 27.89 9.25 10.76
CA MET A 122 29.26 8.78 10.72
C MET A 122 29.42 7.89 9.50
N ASP A 123 30.53 8.00 8.79
CA ASP A 123 30.73 7.13 7.63
C ASP A 123 31.52 5.91 8.07
N GLU A 124 31.87 5.04 7.11
CA GLU A 124 32.62 3.83 7.45
C GLU A 124 34.04 4.09 7.94
N LYS A 125 34.52 5.32 7.78
CA LYS A 125 35.87 5.65 8.23
C LYS A 125 35.84 6.24 9.63
N GLY A 126 34.66 6.32 10.21
CA GLY A 126 34.53 6.87 11.55
C GLY A 126 34.37 8.38 11.51
N ASN A 127 34.39 8.95 10.32
CA ASN A 127 34.23 10.40 10.19
C ASN A 127 32.85 10.82 10.65
N GLN A 128 32.78 11.96 11.34
CA GLN A 128 31.51 12.49 11.82
C GLN A 128 31.09 13.64 10.93
N PHE A 129 29.81 13.69 10.57
CA PHE A 129 29.32 14.76 9.74
C PHE A 129 28.09 15.40 10.37
N ASP A 130 27.92 16.68 10.09
CA ASP A 130 26.79 17.45 10.58
C ASP A 130 26.57 18.48 9.49
N GLU A 131 25.75 18.12 8.51
CA GLU A 131 25.49 18.98 7.37
C GLU A 131 24.03 19.34 7.18
N THR A 132 23.81 20.33 6.33
CA THR A 132 22.47 20.76 5.97
C THR A 132 22.25 20.13 4.61
N ILE A 133 21.27 19.25 4.52
CA ILE A 133 20.97 18.57 3.26
C ILE A 133 19.67 19.13 2.70
N ASP A 134 19.57 19.21 1.38
CA ASP A 134 18.34 19.71 0.79
C ASP A 134 18.02 19.03 -0.53
N GLY A 135 16.90 19.42 -1.13
CA GLY A 135 16.52 18.83 -2.39
C GLY A 135 16.35 17.32 -2.33
N TYR A 136 16.64 16.68 -3.46
CA TYR A 136 16.51 15.23 -3.61
C TYR A 136 17.21 14.41 -2.53
N LYS A 137 18.47 14.74 -2.24
CA LYS A 137 19.21 13.99 -1.23
C LYS A 137 18.49 14.04 0.09
N ALA A 138 17.86 15.18 0.36
CA ALA A 138 17.12 15.34 1.62
C ALA A 138 15.98 14.31 1.68
N ILE A 139 15.31 14.11 0.55
CA ILE A 139 14.20 13.16 0.48
C ILE A 139 14.73 11.74 0.64
N VAL A 140 15.80 11.42 -0.09
CA VAL A 140 16.38 10.09 -0.03
C VAL A 140 16.84 9.77 1.39
N TYR A 141 17.56 10.71 1.99
CA TYR A 141 18.06 10.50 3.35
C TYR A 141 16.96 10.27 4.36
N GLN A 142 15.91 11.08 4.29
CA GLN A 142 14.80 10.92 5.22
C GLN A 142 14.14 9.57 4.97
N HIS A 143 13.95 9.23 3.71
CA HIS A 143 13.33 7.96 3.35
C HIS A 143 14.14 6.82 3.95
N GLU A 144 15.45 6.87 3.75
CA GLU A 144 16.36 5.84 4.24
C GLU A 144 16.41 5.76 5.75
N CYS A 145 16.54 6.90 6.41
CA CYS A 145 16.60 6.93 7.85
C CYS A 145 15.30 6.46 8.48
N ASP A 146 14.17 6.74 7.81
CA ASP A 146 12.87 6.29 8.32
C ASP A 146 12.94 4.79 8.55
N HIS A 147 13.59 4.08 7.63
CA HIS A 147 13.74 2.64 7.70
C HIS A 147 14.38 2.23 9.03
N LEU A 148 15.31 3.04 9.50
CA LEU A 148 16.02 2.75 10.75
C LEU A 148 15.09 2.91 11.95
N GLN A 149 13.98 3.60 11.75
CA GLN A 149 12.99 3.82 12.80
C GLN A 149 11.77 2.93 12.55
N GLY A 150 11.92 1.99 11.61
CA GLY A 150 10.82 1.09 11.29
C GLY A 150 9.69 1.80 10.57
N ILE A 151 10.05 2.82 9.80
CA ILE A 151 9.05 3.59 9.08
C ILE A 151 9.22 3.45 7.57
N LEU A 152 8.10 3.21 6.88
CA LEU A 152 8.10 3.09 5.43
C LEU A 152 7.37 4.33 4.90
N TYR A 153 7.58 4.66 3.63
CA TYR A 153 6.94 5.86 3.08
C TYR A 153 5.42 5.77 3.07
N VAL A 154 4.87 4.56 3.08
CA VAL A 154 3.43 4.42 3.09
C VAL A 154 2.87 4.98 4.39
N ASP A 155 3.74 5.12 5.39
CA ASP A 155 3.32 5.66 6.67
C ASP A 155 3.21 7.17 6.57
N ARG A 156 3.81 7.73 5.51
CA ARG A 156 3.82 9.18 5.32
C ARG A 156 3.14 9.66 4.04
N LEU A 157 2.31 8.82 3.45
CA LEU A 157 1.59 9.22 2.25
C LEU A 157 0.82 10.50 2.50
N LYS A 158 0.89 11.43 1.55
CA LYS A 158 0.16 12.68 1.68
C LYS A 158 -1.32 12.33 1.68
N ASP A 159 -1.68 11.37 0.84
CA ASP A 159 -3.06 10.94 0.71
C ASP A 159 -3.13 9.58 0.04
N THR A 160 -3.83 8.64 0.67
CA THR A 160 -3.94 7.30 0.13
C THR A 160 -4.49 7.26 -1.29
N LYS A 161 -5.09 8.35 -1.74
CA LYS A 161 -5.58 8.41 -3.11
C LYS A 161 -4.40 8.59 -4.06
N LEU A 162 -3.31 9.16 -3.56
CA LEU A 162 -2.10 9.38 -4.37
C LEU A 162 -1.15 8.25 -4.04
N PHE A 163 -1.55 7.05 -4.43
CA PHE A 163 -0.80 5.84 -4.13
C PHE A 163 -1.35 4.76 -5.04
N GLY A 164 -0.49 3.90 -5.57
CA GLY A 164 -0.97 2.86 -6.44
C GLY A 164 0.13 2.07 -7.09
N PHE A 165 -0.22 1.23 -8.06
CA PHE A 165 0.78 0.44 -8.75
C PHE A 165 1.38 1.20 -9.89
N ASN A 166 2.69 1.06 -10.04
CA ASN A 166 3.42 1.75 -11.08
C ASN A 166 2.79 1.69 -12.45
N GLU A 167 2.55 0.48 -12.93
CA GLU A 167 1.97 0.33 -14.26
C GLU A 167 0.58 0.93 -14.36
N THR A 168 -0.21 0.86 -13.28
CA THR A 168 -1.54 1.46 -13.34
C THR A 168 -1.41 2.97 -13.32
N LEU A 169 -0.54 3.49 -12.45
CA LEU A 169 -0.32 4.93 -12.36
C LEU A 169 0.26 5.47 -13.67
N ASP A 170 1.17 4.71 -14.29
CA ASP A 170 1.77 5.13 -15.55
C ASP A 170 0.72 5.25 -16.63
N SER A 171 -0.05 4.18 -16.84
CA SER A 171 -1.07 4.15 -17.88
C SER A 171 -2.31 5.00 -17.65
N SER A 172 -2.43 5.60 -16.47
CA SER A 172 -3.59 6.42 -16.17
C SER A 172 -3.23 7.91 -16.18
N HIS A 173 -1.94 8.19 -16.11
CA HIS A 173 -1.45 9.55 -16.12
C HIS A 173 -0.30 9.64 -17.10
N ASN A 174 -0.65 9.79 -18.37
CA ASN A 174 0.34 9.84 -19.43
C ASN A 174 0.92 11.22 -19.69
N VAL A 175 2.14 11.22 -20.24
CA VAL A 175 2.85 12.43 -20.59
C VAL A 175 3.54 12.18 -21.93
N LEU A 176 4.29 13.16 -22.42
CA LEU A 176 4.97 13.02 -23.69
C LEU A 176 6.11 12.00 -23.66
N ASP A 177 6.01 11.03 -22.76
CA ASP A 177 7.04 10.00 -22.66
C ASP A 177 7.04 9.19 -23.96
N SER B 1 -18.75 -12.97 -19.05
CA SER B 1 -17.30 -12.87 -19.41
C SER B 1 -16.52 -12.19 -18.29
N VAL B 2 -15.26 -12.59 -18.14
CA VAL B 2 -14.38 -12.03 -17.14
C VAL B 2 -13.86 -10.71 -17.65
N ARG B 3 -14.03 -9.65 -16.87
CA ARG B 3 -13.56 -8.33 -17.27
C ARG B 3 -12.32 -7.96 -16.46
N LYS B 4 -11.58 -6.99 -16.96
CA LYS B 4 -10.37 -6.55 -16.28
C LYS B 4 -10.72 -5.79 -15.00
N ILE B 5 -10.05 -6.16 -13.91
CA ILE B 5 -10.27 -5.50 -12.63
C ILE B 5 -9.26 -4.37 -12.52
N LEU B 6 -9.76 -3.16 -12.34
CA LEU B 6 -8.91 -1.98 -12.23
C LEU B 6 -8.13 -2.04 -10.93
N ARG B 7 -6.87 -1.67 -10.99
CA ARG B 7 -6.03 -1.69 -9.80
C ARG B 7 -5.92 -0.31 -9.15
N MET B 8 -5.53 -0.31 -7.88
CA MET B 8 -5.37 0.93 -7.15
C MET B 8 -4.43 1.82 -7.94
N GLY B 9 -4.81 3.09 -8.07
CA GLY B 9 -4.05 4.04 -8.84
C GLY B 9 -4.90 4.54 -9.99
N ASP B 10 -5.84 3.72 -10.42
CA ASP B 10 -6.76 4.07 -11.51
C ASP B 10 -7.81 5.02 -10.93
N PRO B 11 -7.89 6.25 -11.46
CA PRO B 11 -8.83 7.27 -11.00
C PRO B 11 -10.28 6.81 -10.85
N ILE B 12 -10.70 5.88 -11.70
CA ILE B 12 -12.09 5.41 -11.65
C ILE B 12 -12.44 4.87 -10.28
N LEU B 13 -11.52 4.13 -9.68
CA LEU B 13 -11.74 3.54 -8.37
C LEU B 13 -12.01 4.57 -7.30
N ARG B 14 -11.72 5.83 -7.60
CA ARG B 14 -11.95 6.90 -6.61
C ARG B 14 -13.12 7.81 -6.96
N LYS B 15 -13.89 7.45 -8.00
CA LYS B 15 -15.04 8.26 -8.39
C LYS B 15 -16.28 7.77 -7.64
N ILE B 16 -17.36 8.54 -7.73
CA ILE B 16 -18.61 8.17 -7.08
C ILE B 16 -19.44 7.41 -8.09
N SER B 17 -20.05 6.32 -7.65
CA SER B 17 -20.89 5.53 -8.54
C SER B 17 -22.32 6.05 -8.47
N GLU B 18 -23.01 6.05 -9.60
CA GLU B 18 -24.37 6.52 -9.67
C GLU B 18 -25.38 5.41 -9.42
N PRO B 19 -26.54 5.75 -8.86
CA PRO B 19 -27.58 4.77 -8.57
C PRO B 19 -28.06 4.07 -9.83
N VAL B 20 -28.67 2.91 -9.65
CA VAL B 20 -29.23 2.13 -10.76
C VAL B 20 -30.74 2.31 -10.67
N THR B 21 -31.44 2.42 -11.79
CA THR B 21 -32.90 2.58 -11.71
C THR B 21 -33.61 1.23 -11.71
N GLU B 22 -34.87 1.21 -11.30
CA GLU B 22 -35.64 -0.01 -11.26
C GLU B 22 -35.88 -0.57 -12.65
N ASP B 23 -36.01 0.32 -13.63
CA ASP B 23 -36.20 -0.11 -15.02
C ASP B 23 -34.89 -0.72 -15.49
N GLU B 24 -33.79 -0.07 -15.12
CA GLU B 24 -32.46 -0.48 -15.52
C GLU B 24 -32.13 -1.93 -15.18
N ILE B 25 -32.56 -2.39 -14.01
CA ILE B 25 -32.26 -3.75 -13.59
C ILE B 25 -32.93 -4.80 -14.45
N GLN B 26 -33.80 -4.37 -15.37
CA GLN B 26 -34.49 -5.32 -16.24
C GLN B 26 -33.87 -5.34 -17.63
N THR B 27 -32.95 -4.42 -17.89
CA THR B 27 -32.32 -4.33 -19.20
C THR B 27 -31.31 -5.46 -19.43
N LYS B 28 -31.12 -5.84 -20.69
CA LYS B 28 -30.18 -6.90 -21.00
C LYS B 28 -28.76 -6.41 -20.68
N GLU B 29 -28.52 -5.11 -20.85
CA GLU B 29 -27.22 -4.52 -20.57
C GLU B 29 -26.86 -4.79 -19.12
N PHE B 30 -27.81 -4.50 -18.21
CA PHE B 30 -27.60 -4.71 -16.79
C PHE B 30 -27.30 -6.18 -16.47
N LYS B 31 -28.10 -7.07 -17.04
CA LYS B 31 -27.88 -8.49 -16.80
C LYS B 31 -26.53 -8.96 -17.33
N LYS B 32 -26.11 -8.43 -18.47
CA LYS B 32 -24.81 -8.81 -19.03
C LYS B 32 -23.72 -8.35 -18.07
N LEU B 33 -23.92 -7.18 -17.47
CA LEU B 33 -22.97 -6.64 -16.54
C LEU B 33 -22.92 -7.48 -15.29
N ILE B 34 -24.09 -7.88 -14.80
CA ILE B 34 -24.18 -8.70 -13.61
C ILE B 34 -23.46 -10.01 -13.81
N ARG B 35 -23.77 -10.68 -14.92
CA ARG B 35 -23.13 -11.95 -15.23
C ARG B 35 -21.61 -11.73 -15.31
N ASP B 36 -21.20 -10.67 -15.98
CA ASP B 36 -19.77 -10.38 -16.12
C ASP B 36 -19.12 -10.12 -14.77
N MET B 37 -19.83 -9.45 -13.88
CA MET B 37 -19.30 -9.17 -12.57
C MET B 37 -19.12 -10.44 -11.76
N PHE B 38 -20.07 -11.38 -11.88
CA PHE B 38 -19.94 -12.64 -11.14
C PHE B 38 -18.81 -13.46 -11.75
N ASP B 39 -18.74 -13.51 -13.09
CA ASP B 39 -17.67 -14.26 -13.74
C ASP B 39 -16.33 -13.74 -13.24
N THR B 40 -16.18 -12.41 -13.29
CA THR B 40 -14.96 -11.75 -12.87
C THR B 40 -14.64 -12.02 -11.40
N MET B 41 -15.65 -11.86 -10.54
CA MET B 41 -15.44 -12.08 -9.13
C MET B 41 -15.00 -13.51 -8.86
N ARG B 42 -15.70 -14.47 -9.47
CA ARG B 42 -15.39 -15.88 -9.27
C ARG B 42 -14.02 -16.24 -9.83
N HIS B 43 -13.74 -15.81 -11.05
CA HIS B 43 -12.47 -16.10 -11.66
C HIS B 43 -11.31 -15.55 -10.83
N ALA B 44 -11.56 -14.44 -10.13
CA ALA B 44 -10.56 -13.81 -9.29
C ALA B 44 -10.59 -14.37 -7.87
N GLU B 45 -11.51 -15.27 -7.62
CA GLU B 45 -11.64 -15.87 -6.29
C GLU B 45 -11.97 -14.82 -5.23
N GLY B 46 -12.79 -13.85 -5.60
CA GLY B 46 -13.17 -12.81 -4.65
C GLY B 46 -14.45 -13.17 -3.92
N VAL B 47 -14.80 -12.40 -2.91
CA VAL B 47 -16.02 -12.61 -2.15
C VAL B 47 -16.98 -11.48 -2.48
N GLY B 48 -16.47 -10.49 -3.20
CA GLY B 48 -17.28 -9.36 -3.59
C GLY B 48 -16.65 -8.60 -4.74
N LEU B 49 -17.45 -7.82 -5.43
CA LEU B 49 -16.97 -7.02 -6.54
C LEU B 49 -17.95 -5.88 -6.79
N ALA B 50 -17.42 -4.68 -6.91
CA ALA B 50 -18.24 -3.50 -7.16
C ALA B 50 -18.02 -3.09 -8.61
N ALA B 51 -19.08 -2.61 -9.26
CA ALA B 51 -19.02 -2.20 -10.66
C ALA B 51 -17.85 -1.29 -11.00
N PRO B 52 -17.54 -0.30 -10.14
CA PRO B 52 -16.42 0.56 -10.47
C PRO B 52 -15.10 -0.21 -10.63
N GLN B 53 -14.96 -1.35 -9.94
CA GLN B 53 -13.75 -2.15 -10.06
C GLN B 53 -13.51 -2.67 -11.46
N ILE B 54 -14.56 -2.69 -12.28
CA ILE B 54 -14.40 -3.13 -13.65
C ILE B 54 -14.68 -1.96 -14.57
N GLY B 55 -14.66 -0.76 -14.00
CA GLY B 55 -14.86 0.46 -14.77
C GLY B 55 -16.25 1.03 -14.92
N ILE B 56 -17.24 0.43 -14.28
CA ILE B 56 -18.60 0.92 -14.39
C ILE B 56 -18.98 1.66 -13.12
N LEU B 57 -19.20 2.96 -13.23
CA LEU B 57 -19.56 3.77 -12.08
C LEU B 57 -21.05 3.72 -11.76
N LYS B 58 -21.52 2.54 -11.37
CA LYS B 58 -22.93 2.34 -11.01
C LYS B 58 -22.94 1.66 -9.65
N GLN B 59 -23.93 1.98 -8.83
CA GLN B 59 -24.04 1.39 -7.51
C GLN B 59 -24.48 -0.06 -7.58
N ILE B 60 -23.58 -0.89 -8.13
CA ILE B 60 -23.84 -2.31 -8.29
C ILE B 60 -22.76 -3.14 -7.58
N VAL B 61 -23.20 -4.02 -6.71
CA VAL B 61 -22.29 -4.88 -5.98
C VAL B 61 -22.76 -6.32 -6.02
N VAL B 62 -21.83 -7.22 -6.29
CA VAL B 62 -22.15 -8.65 -6.27
C VAL B 62 -21.26 -9.23 -5.20
N VAL B 63 -21.81 -10.16 -4.42
CA VAL B 63 -21.03 -10.80 -3.37
C VAL B 63 -21.32 -12.28 -3.41
N GLY B 64 -20.52 -13.04 -2.67
CA GLY B 64 -20.72 -14.48 -2.62
C GLY B 64 -19.40 -15.23 -2.62
N SER B 65 -19.22 -16.16 -1.69
CA SER B 65 -17.98 -16.91 -1.66
C SER B 65 -18.22 -18.31 -1.11
N GLU B 66 -17.66 -19.30 -1.80
CA GLU B 66 -17.78 -20.69 -1.42
C GLU B 66 -16.38 -21.25 -1.19
N ASP B 67 -16.07 -21.57 0.07
CA ASP B 67 -14.76 -22.11 0.41
C ASP B 67 -13.66 -21.23 -0.19
N ASN B 68 -13.76 -19.93 0.05
CA ASN B 68 -12.82 -18.97 -0.50
C ASN B 68 -11.37 -19.25 -0.11
N GLU B 69 -10.49 -19.24 -1.11
CA GLU B 69 -9.08 -19.49 -0.92
C GLU B 69 -8.32 -18.21 -0.52
N ARG B 70 -8.83 -17.06 -0.93
CA ARG B 70 -8.17 -15.79 -0.61
C ARG B 70 -8.37 -15.40 0.85
N TYR B 71 -9.43 -15.91 1.48
CA TYR B 71 -9.70 -15.64 2.90
C TYR B 71 -10.14 -16.94 3.56
N PRO B 72 -9.19 -17.88 3.70
CA PRO B 72 -9.34 -19.22 4.27
C PRO B 72 -10.08 -19.43 5.61
N GLY B 73 -10.15 -18.42 6.46
CA GLY B 73 -10.85 -18.64 7.73
C GLY B 73 -12.28 -18.14 7.78
N THR B 74 -12.69 -17.39 6.76
CA THR B 74 -14.02 -16.80 6.72
C THR B 74 -15.16 -17.73 6.33
N PRO B 75 -16.39 -17.38 6.76
CA PRO B 75 -17.60 -18.14 6.49
C PRO B 75 -18.10 -17.87 5.08
N ASP B 76 -18.72 -18.86 4.45
CA ASP B 76 -19.23 -18.69 3.10
C ASP B 76 -20.28 -17.60 3.07
N VAL B 77 -20.34 -16.90 1.95
CA VAL B 77 -21.31 -15.84 1.77
C VAL B 77 -22.14 -16.19 0.55
N PRO B 78 -23.46 -16.36 0.74
CA PRO B 78 -24.29 -16.70 -0.41
C PRO B 78 -24.25 -15.56 -1.44
N GLU B 79 -24.21 -15.92 -2.72
CA GLU B 79 -24.16 -14.92 -3.77
C GLU B 79 -25.48 -14.19 -3.87
N ARG B 80 -25.41 -12.86 -3.95
CA ARG B 80 -26.58 -12.02 -4.10
C ARG B 80 -26.17 -10.73 -4.78
N ILE B 81 -27.14 -10.02 -5.33
CA ILE B 81 -26.89 -8.76 -6.00
C ILE B 81 -27.35 -7.65 -5.06
N ILE B 82 -26.49 -6.68 -4.84
CA ILE B 82 -26.79 -5.55 -3.96
C ILE B 82 -26.69 -4.26 -4.76
N LEU B 83 -27.83 -3.60 -4.91
CA LEU B 83 -27.90 -2.36 -5.69
C LEU B 83 -28.25 -1.16 -4.82
N ASN B 84 -27.69 -0.01 -5.18
CA ASN B 84 -27.96 1.25 -4.47
C ASN B 84 -27.90 1.04 -2.96
N PRO B 85 -26.88 0.34 -2.46
CA PRO B 85 -26.81 0.13 -1.02
C PRO B 85 -26.52 1.39 -0.24
N VAL B 86 -27.07 1.45 0.97
CA VAL B 86 -26.85 2.57 1.87
C VAL B 86 -26.60 1.94 3.24
N ILE B 87 -25.43 2.20 3.80
CA ILE B 87 -25.05 1.63 5.08
C ILE B 87 -24.93 2.65 6.19
N THR B 88 -25.51 2.33 7.34
CA THR B 88 -25.44 3.18 8.51
C THR B 88 -24.96 2.31 9.66
N PRO B 89 -23.83 2.69 10.27
CA PRO B 89 -23.32 1.88 11.38
C PRO B 89 -24.31 1.92 12.52
N LEU B 90 -24.47 0.79 13.21
CA LEU B 90 -25.39 0.73 14.34
C LEU B 90 -24.59 0.67 15.63
N THR B 91 -23.27 0.54 15.50
CA THR B 91 -22.40 0.46 16.66
C THR B 91 -21.03 1.08 16.45
N LYS B 92 -20.34 1.37 17.55
CA LYS B 92 -19.00 1.92 17.50
C LYS B 92 -18.07 0.72 17.62
N ASP B 93 -18.63 -0.41 18.03
CA ASP B 93 -17.85 -1.63 18.18
C ASP B 93 -17.36 -2.11 16.82
N THR B 94 -16.12 -2.54 16.78
CA THR B 94 -15.54 -3.01 15.53
C THR B 94 -14.85 -4.35 15.69
N SER B 95 -14.69 -5.02 14.56
CA SER B 95 -14.01 -6.30 14.53
C SER B 95 -12.91 -6.05 13.52
N GLY B 96 -11.67 -6.32 13.93
CA GLY B 96 -10.58 -6.10 13.01
C GLY B 96 -10.52 -7.24 12.03
N PHE B 97 -9.98 -6.98 10.85
CA PHE B 97 -9.89 -8.02 9.85
C PHE B 97 -8.84 -7.65 8.82
N TRP B 98 -7.99 -8.62 8.48
CA TRP B 98 -6.96 -8.39 7.48
C TRP B 98 -7.61 -8.46 6.11
N GLU B 99 -8.11 -7.33 5.66
CA GLU B 99 -8.78 -7.26 4.38
C GLU B 99 -7.85 -7.23 3.18
N GLY B 100 -8.40 -7.68 2.06
CA GLY B 100 -7.69 -7.67 0.81
C GLY B 100 -8.68 -7.07 -0.17
N CYS B 101 -8.23 -6.80 -1.39
CA CYS B 101 -9.11 -6.24 -2.40
C CYS B 101 -8.62 -6.63 -3.78
N LEU B 102 -9.56 -7.08 -4.61
CA LEU B 102 -9.22 -7.49 -5.96
C LEU B 102 -8.57 -6.35 -6.73
N SER B 103 -8.78 -5.12 -6.26
CA SER B 103 -8.19 -3.97 -6.93
C SER B 103 -6.84 -3.60 -6.29
N VAL B 104 -6.46 -4.32 -5.24
CA VAL B 104 -5.19 -4.10 -4.57
C VAL B 104 -4.56 -5.50 -4.45
N PRO B 105 -4.26 -6.11 -5.60
CA PRO B 105 -3.67 -7.45 -5.67
C PRO B 105 -2.36 -7.65 -4.92
N GLY B 106 -2.27 -8.78 -4.25
CA GLY B 106 -1.06 -9.17 -3.52
C GLY B 106 -0.84 -8.53 -2.17
N MET B 107 -1.85 -7.83 -1.66
CA MET B 107 -1.70 -7.18 -0.37
C MET B 107 -2.85 -7.43 0.59
N ARG B 108 -2.62 -7.11 1.86
CA ARG B 108 -3.62 -7.27 2.91
C ARG B 108 -3.37 -6.15 3.92
N GLY B 109 -4.43 -5.68 4.56
CA GLY B 109 -4.27 -4.63 5.54
C GLY B 109 -5.30 -4.81 6.62
N TYR B 110 -4.92 -4.47 7.85
CA TYR B 110 -5.82 -4.61 8.97
C TYR B 110 -6.81 -3.45 8.98
N VAL B 111 -8.09 -3.78 8.94
CA VAL B 111 -9.13 -2.76 8.95
C VAL B 111 -10.17 -3.08 10.02
N GLU B 112 -10.58 -2.06 10.77
CA GLU B 112 -11.58 -2.25 11.80
C GLU B 112 -12.82 -1.47 11.40
N ARG B 113 -13.89 -2.20 11.08
CA ARG B 113 -15.13 -1.57 10.69
C ARG B 113 -16.20 -1.93 11.70
N PRO B 114 -17.26 -1.11 11.80
CA PRO B 114 -18.34 -1.40 12.74
C PRO B 114 -18.80 -2.84 12.46
N ASN B 115 -18.98 -3.64 13.49
CA ASN B 115 -19.39 -5.02 13.28
C ASN B 115 -20.90 -5.22 13.26
N GLN B 116 -21.63 -4.11 13.21
CA GLN B 116 -23.08 -4.15 13.15
C GLN B 116 -23.53 -2.92 12.36
N ILE B 117 -24.20 -3.17 11.24
CA ILE B 117 -24.65 -2.09 10.39
C ILE B 117 -26.08 -2.30 9.92
N ARG B 118 -26.65 -1.22 9.41
CA ARG B 118 -27.98 -1.23 8.84
C ARG B 118 -27.71 -1.02 7.36
N MET B 119 -28.26 -1.89 6.53
CA MET B 119 -28.06 -1.70 5.10
C MET B 119 -29.40 -1.69 4.39
N GLN B 120 -29.57 -0.73 3.50
CA GLN B 120 -30.79 -0.61 2.72
C GLN B 120 -30.33 -0.80 1.30
N TRP B 121 -31.04 -1.62 0.55
CA TRP B 121 -30.65 -1.85 -0.83
C TRP B 121 -31.77 -2.49 -1.63
N MET B 122 -31.50 -2.67 -2.91
CA MET B 122 -32.45 -3.27 -3.82
C MET B 122 -31.74 -4.37 -4.57
N ASP B 123 -32.40 -5.50 -4.80
CA ASP B 123 -31.79 -6.58 -5.55
C ASP B 123 -32.19 -6.45 -7.01
N GLU B 124 -31.75 -7.39 -7.84
CA GLU B 124 -32.07 -7.34 -9.27
C GLU B 124 -33.54 -7.53 -9.59
N LYS B 125 -34.33 -7.94 -8.60
CA LYS B 125 -35.75 -8.14 -8.82
C LYS B 125 -36.54 -6.90 -8.42
N GLY B 126 -35.83 -5.87 -7.97
CA GLY B 126 -36.49 -4.65 -7.57
C GLY B 126 -36.91 -4.69 -6.12
N ASN B 127 -36.64 -5.82 -5.45
CA ASN B 127 -36.99 -5.95 -4.04
C ASN B 127 -36.18 -4.98 -3.20
N GLN B 128 -36.83 -4.39 -2.20
CA GLN B 128 -36.17 -3.44 -1.32
C GLN B 128 -35.87 -4.14 0.00
N PHE B 129 -34.68 -3.93 0.53
CA PHE B 129 -34.31 -4.53 1.80
C PHE B 129 -33.80 -3.48 2.76
N ASP B 130 -34.00 -3.74 4.05
CA ASP B 130 -33.57 -2.85 5.10
C ASP B 130 -33.31 -3.81 6.26
N GLU B 131 -32.08 -4.30 6.32
CA GLU B 131 -31.71 -5.27 7.33
C GLU B 131 -30.54 -4.85 8.21
N THR B 132 -30.38 -5.57 9.31
CA THR B 132 -29.29 -5.34 10.22
C THR B 132 -28.28 -6.44 9.86
N ILE B 133 -27.11 -6.02 9.41
CA ILE B 133 -26.08 -6.98 9.03
C ILE B 133 -24.98 -6.96 10.08
N ASP B 134 -24.35 -8.11 10.31
CA ASP B 134 -23.27 -8.16 11.28
C ASP B 134 -22.19 -9.15 10.89
N GLY B 135 -21.18 -9.28 11.73
CA GLY B 135 -20.12 -10.21 11.44
C GLY B 135 -19.42 -9.98 10.13
N TYR B 136 -19.01 -11.08 9.51
CA TYR B 136 -18.28 -11.06 8.25
C TYR B 136 -19.00 -10.35 7.11
N LYS B 137 -20.27 -10.64 6.92
CA LYS B 137 -21.04 -10.00 5.85
C LYS B 137 -21.00 -8.49 6.04
N ALA B 138 -21.02 -8.05 7.29
CA ALA B 138 -20.99 -6.62 7.56
C ALA B 138 -19.68 -6.03 7.01
N ILE B 139 -18.59 -6.75 7.17
CA ILE B 139 -17.29 -6.28 6.70
C ILE B 139 -17.27 -6.25 5.18
N VAL B 140 -17.71 -7.35 4.57
CA VAL B 140 -17.74 -7.46 3.12
C VAL B 140 -18.62 -6.37 2.51
N TYR B 141 -19.82 -6.19 3.07
CA TYR B 141 -20.73 -5.18 2.56
C TYR B 141 -20.16 -3.78 2.64
N GLN B 142 -19.57 -3.45 3.78
CA GLN B 142 -18.99 -2.11 3.92
C GLN B 142 -17.84 -1.95 2.93
N HIS B 143 -17.02 -2.98 2.81
CA HIS B 143 -15.90 -2.95 1.91
C HIS B 143 -16.38 -2.68 0.49
N GLU B 144 -17.40 -3.44 0.09
CA GLU B 144 -17.97 -3.31 -1.25
C GLU B 144 -18.61 -1.95 -1.48
N CYS B 145 -19.44 -1.51 -0.53
CA CYS B 145 -20.10 -0.22 -0.67
C CYS B 145 -19.10 0.94 -0.72
N ASP B 146 -18.00 0.80 0.00
CA ASP B 146 -16.97 1.82 0.00
C ASP B 146 -16.54 2.08 -1.45
N HIS B 147 -16.45 1.00 -2.23
CA HIS B 147 -16.08 1.11 -3.63
C HIS B 147 -17.01 2.05 -4.39
N LEU B 148 -18.29 2.02 -4.03
CA LEU B 148 -19.28 2.85 -4.68
C LEU B 148 -19.07 4.32 -4.35
N GLN B 149 -18.33 4.59 -3.27
CA GLN B 149 -18.04 5.95 -2.83
C GLN B 149 -16.60 6.32 -3.20
N GLY B 150 -15.97 5.47 -4.00
CA GLY B 150 -14.60 5.71 -4.41
C GLY B 150 -13.62 5.51 -3.27
N ILE B 151 -13.95 4.61 -2.36
CA ILE B 151 -13.10 4.33 -1.22
C ILE B 151 -12.56 2.91 -1.24
N LEU B 152 -11.26 2.78 -1.00
CA LEU B 152 -10.60 1.48 -0.95
C LEU B 152 -10.23 1.23 0.51
N TYR B 153 -10.01 -0.03 0.89
CA TYR B 153 -9.70 -0.31 2.29
C TYR B 153 -8.40 0.33 2.75
N VAL B 154 -7.49 0.62 1.81
CA VAL B 154 -6.25 1.25 2.20
C VAL B 154 -6.54 2.62 2.80
N ASP B 155 -7.71 3.17 2.48
CA ASP B 155 -8.12 4.48 3.00
C ASP B 155 -8.54 4.31 4.47
N ARG B 156 -8.81 3.08 4.87
CA ARG B 156 -9.27 2.80 6.22
C ARG B 156 -8.35 1.93 7.07
N LEU B 157 -7.11 1.79 6.65
CA LEU B 157 -6.16 0.98 7.40
C LEU B 157 -6.09 1.48 8.84
N LYS B 158 -6.12 0.54 9.79
CA LYS B 158 -6.02 0.91 11.19
C LYS B 158 -4.66 1.56 11.40
N ASP B 159 -3.65 1.00 10.75
CA ASP B 159 -2.30 1.50 10.86
C ASP B 159 -1.48 0.99 9.69
N THR B 160 -0.83 1.91 8.99
CA THR B 160 -0.02 1.53 7.84
C THR B 160 1.04 0.48 8.17
N LYS B 161 1.36 0.31 9.44
CA LYS B 161 2.33 -0.72 9.81
C LYS B 161 1.70 -2.10 9.68
N LEU B 162 0.37 -2.16 9.73
CA LEU B 162 -0.37 -3.40 9.60
C LEU B 162 -0.90 -3.44 8.18
N PHE B 163 0.03 -3.57 7.25
CA PHE B 163 -0.27 -3.55 5.82
C PHE B 163 0.97 -4.07 5.13
N GLY B 164 0.80 -4.89 4.10
CA GLY B 164 1.96 -5.41 3.41
C GLY B 164 1.59 -6.42 2.36
N PHE B 165 2.58 -7.11 1.82
CA PHE B 165 2.32 -8.10 0.78
C PHE B 165 1.95 -9.45 1.39
N ASN B 166 0.92 -10.09 0.83
CA ASN B 166 0.40 -11.38 1.30
C ASN B 166 1.41 -12.50 1.53
N GLU B 167 2.36 -12.64 0.61
CA GLU B 167 3.35 -13.69 0.74
C GLU B 167 4.12 -13.54 2.05
N THR B 168 4.47 -12.31 2.39
CA THR B 168 5.22 -12.10 3.62
C THR B 168 4.25 -12.13 4.80
N LEU B 169 3.06 -11.58 4.61
CA LEU B 169 2.07 -11.56 5.69
C LEU B 169 1.62 -12.96 6.06
N ASP B 170 1.73 -13.90 5.13
CA ASP B 170 1.33 -15.28 5.43
C ASP B 170 2.47 -15.97 6.17
N SER B 171 3.70 -15.59 5.87
CA SER B 171 4.88 -16.18 6.48
C SER B 171 5.19 -15.62 7.85
N SER B 172 5.02 -14.31 8.01
CA SER B 172 5.33 -13.68 9.27
C SER B 172 4.12 -13.18 10.05
N HIS B 173 4.32 -12.99 11.35
CA HIS B 173 3.27 -12.55 12.23
C HIS B 173 3.51 -11.16 12.80
N ASN B 174 2.56 -10.27 12.55
CA ASN B 174 2.61 -8.92 13.07
C ASN B 174 1.70 -8.90 14.29
N VAL B 175 2.26 -8.57 15.44
CA VAL B 175 1.48 -8.54 16.67
C VAL B 175 0.53 -7.35 16.69
N LEU B 176 -0.76 -7.64 16.88
CA LEU B 176 -1.79 -6.63 16.95
C LEU B 176 -1.91 -6.20 18.41
N ASP B 177 -2.07 -4.90 18.65
CA ASP B 177 -2.21 -4.43 20.03
C ASP B 177 -3.55 -4.82 20.62
#